data_4QPY
#
_entry.id   4QPY
#
_cell.length_a   225.620
_cell.length_b   225.620
_cell.length_c   225.620
_cell.angle_alpha   90.00
_cell.angle_beta   90.00
_cell.angle_gamma   90.00
#
_symmetry.space_group_name_H-M   'F 4 3 2'
#
loop_
_entity.id
_entity.type
_entity.pdbx_description
1 polymer 'Complement C1q-like protein 2'
2 water water
#
_entity_poly.entity_id   1
_entity_poly.type   'polypeptide(L)'
_entity_poly.pdbx_seq_one_letter_code
;AAFSGPKIAFYVGLKSPHEGYEVLKFDDVVTNLGNHYDPTTGKFSCQVRGIYFFTYHILMRGGDGTSMWADLCKNGQVRA
SAIAQDADQNYDYASNSVVLHLDSGDEVYVKLDGGKAHGGNNNKYSTFSGFLLYPD
;
_entity_poly.pdbx_strand_id   A,B,C
#
# COMPACT_ATOMS: atom_id res chain seq x y z
N PRO A 6 9.68 1.87 22.10
CA PRO A 6 10.75 1.95 21.09
C PRO A 6 10.19 2.34 19.72
N LYS A 7 10.79 3.37 19.14
CA LYS A 7 10.34 3.90 17.86
C LYS A 7 11.20 3.29 16.78
N ILE A 8 10.61 2.37 16.01
CA ILE A 8 11.33 1.69 14.95
C ILE A 8 10.55 1.74 13.66
N ALA A 9 11.06 2.49 12.70
CA ALA A 9 10.43 2.63 11.40
C ALA A 9 11.48 3.05 10.41
N PHE A 10 11.27 2.72 9.14
CA PHE A 10 12.20 3.11 8.09
C PHE A 10 11.47 3.29 6.78
N TYR A 11 12.01 4.18 5.97
CA TYR A 11 11.57 4.35 4.59
C TYR A 11 12.83 4.45 3.72
N VAL A 12 12.97 3.53 2.76
CA VAL A 12 14.16 3.54 1.92
C VAL A 12 13.86 3.37 0.43
N GLY A 13 14.69 4.00 -0.39
CA GLY A 13 14.52 3.97 -1.82
C GLY A 13 15.80 3.60 -2.52
N LEU A 14 15.85 3.92 -3.81
CA LEU A 14 16.93 3.46 -4.69
C LEU A 14 17.63 4.62 -5.40
N LYS A 15 18.92 4.80 -5.13
CA LYS A 15 19.74 5.86 -5.75
C LYS A 15 20.09 5.60 -7.22
N SER A 16 20.12 4.33 -7.62
CA SER A 16 20.43 3.95 -9.00
C SER A 16 19.79 2.58 -9.30
N PRO A 17 19.79 2.16 -10.58
CA PRO A 17 19.30 0.81 -10.89
C PRO A 17 20.10 -0.28 -10.17
N HIS A 18 19.39 -1.22 -9.53
CA HIS A 18 20.02 -2.32 -8.80
C HIS A 18 19.48 -3.68 -9.25
N GLU A 19 20.32 -4.72 -9.20
CA GLU A 19 19.85 -6.09 -9.26
C GLU A 19 19.34 -6.45 -7.87
N GLY A 20 18.52 -7.49 -7.77
CA GLY A 20 18.05 -7.88 -6.47
C GLY A 20 17.79 -9.36 -6.34
N TYR A 21 18.58 -10.15 -7.08
CA TYR A 21 18.35 -11.58 -7.17
C TYR A 21 18.54 -12.27 -5.83
N GLU A 22 19.41 -11.74 -4.98
CA GLU A 22 19.53 -12.23 -3.62
C GLU A 22 18.83 -11.29 -2.64
N VAL A 23 19.03 -9.99 -2.84
CA VAL A 23 18.42 -8.97 -2.03
C VAL A 23 18.57 -7.64 -2.74
N LEU A 24 17.49 -6.87 -2.78
CA LEU A 24 17.54 -5.53 -3.32
C LEU A 24 18.10 -4.62 -2.24
N LYS A 25 19.27 -4.05 -2.49
CA LYS A 25 19.91 -3.19 -1.51
C LYS A 25 19.55 -1.72 -1.71
N PHE A 26 18.46 -1.29 -1.09
CA PHE A 26 18.05 0.10 -1.14
C PHE A 26 19.13 0.96 -0.52
N ASP A 27 19.49 2.02 -1.22
CA ASP A 27 20.65 2.82 -0.78
C ASP A 27 20.32 4.28 -0.47
N ASP A 28 19.10 4.70 -0.83
CA ASP A 28 18.61 6.02 -0.43
C ASP A 28 17.80 5.89 0.85
N VAL A 29 18.49 6.03 1.98
CA VAL A 29 17.87 5.93 3.29
C VAL A 29 17.23 7.26 3.66
N VAL A 30 15.91 7.32 3.64
CA VAL A 30 15.20 8.56 3.94
C VAL A 30 14.86 8.63 5.42
N THR A 31 14.31 7.54 5.97
CA THR A 31 14.01 7.46 7.40
C THR A 31 14.57 6.13 7.90
N ASN A 32 15.27 6.13 9.04
CA ASN A 32 15.79 4.88 9.60
C ASN A 32 15.89 4.97 11.11
N LEU A 33 14.75 5.16 11.73
CA LEU A 33 14.61 5.24 13.17
C LEU A 33 15.15 3.98 13.84
N GLY A 34 16.27 4.13 14.54
CA GLY A 34 16.88 3.01 15.21
C GLY A 34 18.06 2.43 14.46
N ASN A 35 18.17 2.79 13.19
CA ASN A 35 19.22 2.25 12.30
C ASN A 35 19.16 0.75 12.11
N HIS A 36 17.95 0.21 12.02
CA HIS A 36 17.82 -1.24 11.89
C HIS A 36 17.77 -1.72 10.45
N TYR A 37 17.60 -0.81 9.49
CA TYR A 37 17.81 -1.16 8.11
C TYR A 37 19.27 -0.91 7.77
N ASP A 38 19.89 -1.88 7.12
CA ASP A 38 21.31 -1.79 6.78
C ASP A 38 21.46 -1.78 5.26
N PRO A 39 21.75 -0.61 4.69
CA PRO A 39 21.88 -0.46 3.23
C PRO A 39 23.04 -1.29 2.66
N THR A 40 23.97 -1.74 3.50
CA THR A 40 25.06 -2.58 2.99
C THR A 40 24.59 -4.03 2.78
N THR A 41 23.59 -4.46 3.52
CA THR A 41 23.06 -5.81 3.35
C THR A 41 21.72 -5.82 2.63
N GLY A 42 20.97 -4.73 2.79
CA GLY A 42 19.66 -4.59 2.19
C GLY A 42 18.57 -5.13 3.11
N LYS A 43 18.98 -5.52 4.31
CA LYS A 43 18.05 -6.13 5.26
C LYS A 43 17.68 -5.23 6.43
N PHE A 44 16.42 -5.32 6.83
CA PHE A 44 15.99 -4.73 8.06
C PHE A 44 16.19 -5.80 9.11
N SER A 45 16.80 -5.44 10.24
CA SER A 45 17.04 -6.49 11.20
C SER A 45 16.52 -6.24 12.60
N CYS A 46 15.62 -7.13 12.98
CA CYS A 46 14.91 -7.06 14.23
C CYS A 46 15.75 -7.35 15.50
N GLN A 47 15.85 -6.37 16.40
CA GLN A 47 16.31 -6.66 17.75
C GLN A 47 15.18 -6.55 18.81
N VAL A 48 14.03 -6.03 18.41
CA VAL A 48 12.88 -5.93 19.30
C VAL A 48 11.78 -6.84 18.80
N ARG A 49 11.47 -7.93 19.49
CA ARG A 49 10.45 -8.83 18.97
C ARG A 49 9.09 -8.17 19.03
N GLY A 50 8.25 -8.40 18.04
CA GLY A 50 6.92 -7.83 18.04
C GLY A 50 6.26 -7.88 16.70
N ILE A 51 5.22 -7.05 16.54
CA ILE A 51 4.41 -7.09 15.34
C ILE A 51 4.77 -5.90 14.47
N TYR A 52 5.08 -6.19 13.21
CA TYR A 52 5.59 -5.18 12.27
C TYR A 52 4.74 -5.10 11.01
N PHE A 53 4.60 -3.89 10.48
CA PHE A 53 4.02 -3.67 9.16
C PHE A 53 5.15 -3.44 8.17
N PHE A 54 5.05 -4.02 6.97
CA PHE A 54 6.02 -3.74 5.90
C PHE A 54 5.23 -3.51 4.62
N THR A 55 5.79 -2.69 3.74
CA THR A 55 5.22 -2.47 2.43
C THR A 55 6.34 -2.13 1.46
N TYR A 56 6.17 -2.54 0.21
CA TYR A 56 7.18 -2.26 -0.80
C TYR A 56 6.52 -2.07 -2.14
N HIS A 57 7.22 -1.36 -3.02
CA HIS A 57 6.66 -0.92 -4.28
C HIS A 57 7.84 -0.80 -5.25
N ILE A 58 8.04 -1.82 -6.08
CA ILE A 58 9.23 -1.88 -6.93
C ILE A 58 8.91 -1.66 -8.38
N LEU A 59 9.57 -0.68 -8.99
CA LEU A 59 9.43 -0.47 -10.42
C LEU A 59 10.46 -1.34 -11.12
N MET A 60 9.99 -2.37 -11.82
CA MET A 60 10.88 -3.36 -12.43
C MET A 60 10.92 -3.34 -13.95
N ARG A 61 12.03 -3.86 -14.49
CA ARG A 61 12.22 -4.02 -15.92
C ARG A 61 13.06 -5.25 -16.20
N GLY A 62 12.95 -5.80 -17.40
CA GLY A 62 13.74 -6.96 -17.76
C GLY A 62 12.84 -8.10 -18.17
N GLY A 63 11.54 -7.88 -18.04
CA GLY A 63 10.56 -8.83 -18.52
C GLY A 63 10.66 -8.90 -20.03
N ASP A 64 11.13 -10.04 -20.54
CA ASP A 64 11.23 -10.23 -21.98
C ASP A 64 9.89 -10.68 -22.53
N GLY A 65 9.63 -11.97 -22.38
CA GLY A 65 8.33 -12.55 -22.64
C GLY A 65 7.94 -13.30 -21.38
N THR A 66 8.53 -12.89 -20.27
CA THR A 66 8.30 -13.52 -18.99
C THR A 66 7.89 -12.54 -17.93
N SER A 67 7.24 -13.06 -16.89
CA SER A 67 6.85 -12.25 -15.76
C SER A 67 8.06 -11.92 -14.90
N MET A 68 7.88 -11.02 -13.94
CA MET A 68 8.92 -10.75 -12.95
C MET A 68 8.31 -10.60 -11.57
N TRP A 69 9.14 -10.80 -10.55
CA TRP A 69 8.63 -10.79 -9.18
C TRP A 69 9.41 -9.87 -8.24
N ALA A 70 8.69 -9.30 -7.29
CA ALA A 70 9.32 -8.71 -6.11
C ALA A 70 8.72 -9.41 -4.91
N ASP A 71 9.56 -10.07 -4.13
CA ASP A 71 9.07 -10.82 -2.97
C ASP A 71 9.59 -10.22 -1.68
N LEU A 72 8.75 -10.24 -0.65
CA LEU A 72 9.22 -9.85 0.67
C LEU A 72 9.54 -11.09 1.47
N CYS A 73 10.80 -11.21 1.91
CA CYS A 73 11.25 -12.39 2.63
C CYS A 73 11.58 -12.08 4.09
N LYS A 74 11.38 -13.11 4.94
CA LYS A 74 11.83 -13.07 6.31
C LYS A 74 12.71 -14.30 6.51
N ASN A 75 13.99 -14.08 6.77
CA ASN A 75 14.93 -15.18 6.98
C ASN A 75 14.95 -16.19 5.84
N GLY A 76 14.82 -15.72 4.60
CA GLY A 76 14.90 -16.61 3.46
C GLY A 76 13.57 -17.20 3.03
N GLN A 77 12.53 -16.95 3.81
CA GLN A 77 11.20 -17.48 3.48
C GLN A 77 10.32 -16.34 2.93
N VAL A 78 9.74 -16.55 1.74
CA VAL A 78 8.86 -15.56 1.14
C VAL A 78 7.59 -15.42 1.98
N ARG A 79 7.21 -14.19 2.30
CA ARG A 79 6.00 -13.96 3.10
C ARG A 79 4.98 -13.17 2.29
N ALA A 80 5.43 -12.63 1.16
CA ALA A 80 4.54 -11.96 0.23
C ALA A 80 5.23 -11.90 -1.11
N SER A 81 4.46 -12.06 -2.17
CA SER A 81 5.00 -12.07 -3.51
C SER A 81 4.19 -11.09 -4.35
N ALA A 82 4.82 -10.56 -5.40
CA ALA A 82 4.08 -9.74 -6.37
C ALA A 82 4.56 -10.06 -7.75
N ILE A 83 3.64 -10.43 -8.63
CA ILE A 83 3.97 -10.74 -10.03
C ILE A 83 3.72 -9.53 -10.94
N ALA A 84 4.72 -9.21 -11.76
CA ALA A 84 4.64 -8.12 -12.72
C ALA A 84 4.88 -8.67 -14.11
N GLN A 85 4.03 -8.30 -15.07
CA GLN A 85 4.05 -8.98 -16.35
C GLN A 85 4.20 -8.08 -17.57
N ASP A 86 4.13 -6.76 -17.36
CA ASP A 86 4.33 -5.83 -18.46
C ASP A 86 5.75 -5.98 -19.01
N ALA A 87 5.85 -6.24 -20.31
CA ALA A 87 7.12 -6.61 -20.90
C ALA A 87 7.39 -5.91 -22.24
N ASP A 88 6.43 -6.05 -23.17
CA ASP A 88 6.57 -5.50 -24.52
C ASP A 88 7.01 -4.04 -24.54
N GLN A 89 6.46 -3.27 -23.60
CA GLN A 89 6.81 -1.87 -23.40
C GLN A 89 7.15 -1.52 -21.96
N ASN A 90 7.22 -0.22 -21.73
CA ASN A 90 7.41 0.40 -20.41
C ASN A 90 8.09 -0.38 -19.26
N TYR A 91 7.60 -0.10 -18.06
CA TYR A 91 8.01 -0.77 -16.84
C TYR A 91 6.73 -1.28 -16.18
N ASP A 92 6.88 -1.95 -15.05
CA ASP A 92 5.72 -2.42 -14.31
C ASP A 92 6.07 -2.53 -12.85
N TYR A 93 5.16 -2.10 -12.00
CA TYR A 93 5.35 -2.18 -10.56
C TYR A 93 5.03 -3.56 -10.01
N ALA A 94 5.74 -3.93 -8.95
CA ALA A 94 5.45 -5.12 -8.19
C ALA A 94 5.44 -4.67 -6.75
N SER A 95 4.35 -4.95 -6.03
CA SER A 95 4.08 -4.33 -4.73
C SER A 95 3.37 -5.27 -3.80
N ASN A 96 3.54 -5.07 -2.50
CA ASN A 96 2.73 -5.81 -1.53
C ASN A 96 2.88 -5.26 -0.13
N SER A 97 2.04 -5.72 0.77
CA SER A 97 2.07 -5.24 2.15
C SER A 97 1.88 -6.44 3.05
N VAL A 98 2.54 -6.45 4.21
CA VAL A 98 2.31 -7.52 5.16
C VAL A 98 2.24 -7.00 6.60
N VAL A 99 1.63 -7.81 7.46
CA VAL A 99 1.80 -7.68 8.90
C VAL A 99 2.39 -8.98 9.45
N LEU A 100 3.53 -8.87 10.11
CA LEU A 100 4.28 -10.05 10.53
C LEU A 100 4.75 -9.95 11.95
N HIS A 101 4.76 -11.07 12.64
CA HIS A 101 5.42 -11.11 13.92
C HIS A 101 6.90 -11.39 13.66
N LEU A 102 7.79 -10.65 14.32
CA LEU A 102 9.23 -10.92 14.21
C LEU A 102 9.80 -11.28 15.56
N ASP A 103 10.68 -12.27 15.55
CA ASP A 103 11.52 -12.58 16.68
C ASP A 103 12.76 -11.72 16.59
N SER A 104 13.42 -11.58 17.73
CA SER A 104 14.66 -10.85 17.81
C SER A 104 15.65 -11.55 16.88
N GLY A 105 16.26 -10.77 15.99
CA GLY A 105 17.24 -11.36 15.10
C GLY A 105 16.75 -11.54 13.67
N ASP A 106 15.41 -11.64 13.51
CA ASP A 106 14.81 -11.87 12.19
C ASP A 106 15.23 -10.83 11.16
N GLU A 107 15.35 -11.26 9.91
CA GLU A 107 15.81 -10.39 8.84
C GLU A 107 14.72 -10.27 7.79
N VAL A 108 14.37 -9.03 7.46
CA VAL A 108 13.34 -8.78 6.49
C VAL A 108 13.92 -7.93 5.36
N TYR A 109 13.55 -8.30 4.13
CA TYR A 109 14.17 -7.70 2.94
C TYR A 109 13.37 -8.04 1.68
N VAL A 110 13.65 -7.30 0.61
CA VAL A 110 12.96 -7.49 -0.65
C VAL A 110 13.87 -8.23 -1.61
N LYS A 111 13.32 -9.17 -2.36
CA LYS A 111 14.09 -9.99 -3.29
C LYS A 111 13.43 -9.95 -4.65
N LEU A 112 14.23 -9.85 -5.71
CA LEU A 112 13.70 -9.77 -7.07
C LEU A 112 13.93 -11.06 -7.87
N ASP A 113 13.23 -11.20 -8.98
CA ASP A 113 13.31 -12.41 -9.79
C ASP A 113 12.73 -12.04 -11.14
N GLY A 114 13.46 -12.35 -12.21
CA GLY A 114 12.99 -12.09 -13.56
C GLY A 114 13.22 -10.69 -14.09
N GLY A 115 13.70 -9.80 -13.22
CA GLY A 115 13.98 -8.43 -13.62
C GLY A 115 14.84 -7.62 -12.66
N LYS A 116 15.04 -6.35 -12.99
CA LYS A 116 15.90 -5.43 -12.24
C LYS A 116 15.09 -4.24 -11.72
N ALA A 117 15.41 -3.75 -10.53
CA ALA A 117 14.73 -2.58 -9.99
C ALA A 117 15.27 -1.27 -10.61
N HIS A 118 14.38 -0.30 -10.73
CA HIS A 118 14.74 0.97 -11.36
C HIS A 118 14.64 2.12 -10.36
N GLY A 119 15.41 3.17 -10.60
CA GLY A 119 15.28 4.37 -9.80
C GLY A 119 16.52 5.25 -9.69
N GLY A 120 16.35 6.35 -8.96
CA GLY A 120 17.41 7.28 -8.62
C GLY A 120 17.01 8.08 -7.39
N ASN A 121 17.95 8.77 -6.76
CA ASN A 121 17.61 9.71 -5.70
C ASN A 121 16.71 10.81 -6.28
N ASN A 122 16.88 11.06 -7.56
CA ASN A 122 16.01 11.93 -8.34
C ASN A 122 14.68 11.23 -8.62
N ASN A 123 14.74 10.12 -9.36
CA ASN A 123 13.58 9.28 -9.63
C ASN A 123 13.29 8.28 -8.51
N LYS A 124 12.58 8.70 -7.47
CA LYS A 124 12.35 7.84 -6.31
C LYS A 124 11.20 6.86 -6.46
N TYR A 125 11.32 5.96 -7.44
CA TYR A 125 10.23 5.04 -7.79
C TYR A 125 10.10 3.80 -6.91
N SER A 126 11.20 3.08 -6.70
CA SER A 126 11.18 1.85 -5.94
C SER A 126 11.41 2.11 -4.46
N THR A 127 10.50 1.63 -3.62
CA THR A 127 10.51 1.91 -2.19
C THR A 127 10.21 0.70 -1.31
N PHE A 128 10.67 0.81 -0.07
CA PHE A 128 10.52 -0.19 0.96
C PHE A 128 10.36 0.57 2.28
N SER A 129 9.33 0.23 3.04
CA SER A 129 9.05 0.88 4.31
C SER A 129 8.55 -0.15 5.31
N GLY A 130 8.75 0.14 6.59
CA GLY A 130 8.29 -0.75 7.63
C GLY A 130 8.29 -0.01 8.96
N PHE A 131 7.52 -0.51 9.90
CA PHE A 131 7.54 0.06 11.24
C PHE A 131 7.01 -0.96 12.23
N LEU A 132 7.44 -0.78 13.48
CA LEU A 132 6.98 -1.58 14.61
C LEU A 132 5.59 -1.13 14.96
N LEU A 133 4.67 -2.06 14.96
CA LEU A 133 3.29 -1.76 15.36
C LEU A 133 3.09 -1.97 16.88
N TYR A 134 3.40 -3.18 17.35
CA TYR A 134 3.21 -3.55 18.75
C TYR A 134 4.40 -4.38 19.23
N PRO A 135 5.24 -3.82 20.12
CA PRO A 135 6.32 -4.64 20.68
C PRO A 135 5.68 -5.71 21.57
N ASP A 136 6.21 -6.94 21.58
CA ASP A 136 5.67 -8.00 22.45
C ASP A 136 5.71 -7.64 23.92
N PHE B 3 -1.89 2.39 19.62
CA PHE B 3 -0.59 1.90 20.04
C PHE B 3 -0.37 2.09 21.55
N SER B 4 -1.14 1.33 22.35
CA SER B 4 -1.02 1.29 23.82
C SER B 4 -2.01 0.28 24.45
N GLY B 5 -3.24 0.27 23.94
CA GLY B 5 -4.27 -0.58 24.49
C GLY B 5 -4.21 -2.02 24.01
N PRO B 6 -5.32 -2.52 23.45
CA PRO B 6 -5.39 -3.88 22.90
C PRO B 6 -4.63 -4.01 21.58
N LYS B 7 -4.16 -5.22 21.28
CA LYS B 7 -3.33 -5.46 20.11
C LYS B 7 -4.11 -6.22 19.05
N ILE B 8 -4.44 -5.57 17.96
CA ILE B 8 -5.24 -6.20 16.94
C ILE B 8 -4.66 -5.91 15.58
N ALA B 9 -4.32 -6.99 14.88
CA ALA B 9 -3.69 -6.89 13.58
C ALA B 9 -3.79 -8.24 12.89
N PHE B 10 -3.96 -8.21 11.58
CA PHE B 10 -4.07 -9.44 10.82
C PHE B 10 -3.48 -9.24 9.43
N TYR B 11 -3.00 -10.33 8.84
CA TYR B 11 -2.52 -10.34 7.46
C TYR B 11 -2.87 -11.70 6.90
N VAL B 12 -3.66 -11.71 5.83
CA VAL B 12 -4.12 -12.98 5.24
C VAL B 12 -4.01 -13.04 3.71
N GLY B 13 -4.01 -14.24 3.16
CA GLY B 13 -3.97 -14.45 1.74
C GLY B 13 -4.74 -15.68 1.30
N LEU B 14 -4.38 -16.22 0.14
CA LEU B 14 -5.13 -17.30 -0.47
C LEU B 14 -4.33 -18.59 -0.50
N LYS B 15 -4.96 -19.72 -0.15
CA LYS B 15 -4.33 -21.02 -0.28
C LYS B 15 -4.45 -21.52 -1.72
N SER B 16 -5.43 -20.98 -2.43
CA SER B 16 -5.76 -21.36 -3.80
C SER B 16 -6.71 -20.28 -4.33
N PRO B 17 -6.89 -20.22 -5.65
CA PRO B 17 -7.82 -19.24 -6.23
C PRO B 17 -9.25 -19.30 -5.65
N HIS B 18 -9.85 -18.15 -5.38
CA HIS B 18 -11.20 -18.07 -4.81
C HIS B 18 -12.03 -17.03 -5.54
N GLU B 19 -13.33 -17.29 -5.64
CA GLU B 19 -14.29 -16.24 -5.97
C GLU B 19 -14.54 -15.39 -4.73
N GLY B 20 -15.13 -14.22 -4.92
CA GLY B 20 -15.49 -13.40 -3.79
C GLY B 20 -16.61 -12.46 -4.11
N TYR B 21 -17.66 -12.97 -4.76
CA TYR B 21 -18.75 -12.11 -5.21
C TYR B 21 -19.52 -11.51 -4.05
N GLU B 22 -19.61 -12.25 -2.95
CA GLU B 22 -20.24 -11.70 -1.74
C GLU B 22 -19.15 -11.23 -0.80
N VAL B 23 -18.13 -12.06 -0.66
CA VAL B 23 -16.96 -11.76 0.16
C VAL B 23 -15.79 -12.67 -0.24
N LEU B 24 -14.59 -12.11 -0.31
CA LEU B 24 -13.42 -12.95 -0.60
C LEU B 24 -12.92 -13.56 0.69
N LYS B 25 -13.01 -14.89 0.79
CA LYS B 25 -12.65 -15.60 2.01
C LYS B 25 -11.19 -16.03 2.00
N PHE B 26 -10.31 -15.13 2.41
CA PHE B 26 -8.90 -15.47 2.51
C PHE B 26 -8.78 -16.58 3.54
N ASP B 27 -8.12 -17.68 3.17
CA ASP B 27 -7.97 -18.82 4.05
C ASP B 27 -6.52 -19.09 4.48
N ASP B 28 -5.60 -18.24 4.04
CA ASP B 28 -4.20 -18.38 4.46
C ASP B 28 -3.89 -17.32 5.50
N VAL B 29 -3.99 -17.72 6.76
CA VAL B 29 -3.90 -16.80 7.88
C VAL B 29 -2.47 -16.67 8.41
N VAL B 30 -1.76 -15.63 7.99
CA VAL B 30 -0.36 -15.47 8.39
C VAL B 30 -0.23 -14.81 9.74
N THR B 31 -1.05 -13.79 9.97
CA THR B 31 -1.08 -13.12 11.26
C THR B 31 -2.54 -12.89 11.61
N ASN B 32 -2.89 -13.02 12.88
CA ASN B 32 -4.26 -12.82 13.31
C ASN B 32 -4.28 -12.52 14.80
N LEU B 33 -3.57 -11.46 15.17
CA LEU B 33 -3.47 -11.07 16.56
C LEU B 33 -4.86 -10.68 17.08
N GLY B 34 -5.38 -11.45 18.02
CA GLY B 34 -6.71 -11.19 18.54
C GLY B 34 -7.76 -12.14 17.97
N ASN B 35 -7.38 -12.85 16.91
CA ASN B 35 -8.28 -13.79 16.23
C ASN B 35 -9.61 -13.18 15.81
N HIS B 36 -9.54 -11.97 15.27
CA HIS B 36 -10.73 -11.20 14.92
C HIS B 36 -11.04 -11.26 13.42
N TYR B 37 -10.11 -11.79 12.63
CA TYR B 37 -10.43 -12.17 11.27
C TYR B 37 -10.89 -13.62 11.31
N ASP B 38 -11.98 -13.92 10.61
CA ASP B 38 -12.57 -15.26 10.57
C ASP B 38 -12.56 -15.76 9.12
N PRO B 39 -11.62 -16.67 8.79
CA PRO B 39 -11.51 -17.19 7.42
C PRO B 39 -12.74 -18.01 6.97
N THR B 40 -13.61 -18.45 7.90
CA THR B 40 -14.84 -19.12 7.49
C THR B 40 -15.87 -18.13 6.92
N THR B 41 -15.86 -16.89 7.40
CA THR B 41 -16.71 -15.83 6.85
C THR B 41 -15.99 -14.80 5.97
N GLY B 42 -14.66 -14.72 6.07
CA GLY B 42 -13.87 -13.80 5.26
C GLY B 42 -13.91 -12.37 5.76
N LYS B 43 -14.40 -12.22 6.99
CA LYS B 43 -14.62 -10.90 7.57
C LYS B 43 -13.81 -10.64 8.83
N PHE B 44 -13.34 -9.40 8.94
CA PHE B 44 -12.75 -8.93 10.16
C PHE B 44 -13.87 -8.29 10.97
N SER B 45 -14.03 -8.71 12.21
CA SER B 45 -15.13 -8.20 13.01
C SER B 45 -14.62 -7.48 14.24
N CYS B 46 -14.88 -6.18 14.26
CA CYS B 46 -14.44 -5.31 15.33
C CYS B 46 -15.12 -5.61 16.66
N GLN B 47 -14.28 -5.74 17.69
CA GLN B 47 -14.77 -5.87 19.05
C GLN B 47 -14.29 -4.67 19.84
N VAL B 48 -13.37 -3.92 19.24
CA VAL B 48 -12.81 -2.74 19.88
C VAL B 48 -13.06 -1.46 19.06
N ARG B 49 -13.99 -0.66 19.56
CA ARG B 49 -14.36 0.63 18.98
C ARG B 49 -13.12 1.50 18.75
N GLY B 50 -12.94 1.99 17.54
CA GLY B 50 -11.78 2.82 17.29
C GLY B 50 -11.39 2.99 15.84
N ILE B 51 -10.17 3.48 15.63
CA ILE B 51 -9.67 3.79 14.30
C ILE B 51 -8.74 2.70 13.81
N TYR B 52 -8.99 2.24 12.58
CA TYR B 52 -8.29 1.09 12.01
C TYR B 52 -7.70 1.40 10.64
N PHE B 53 -6.54 0.81 10.32
CA PHE B 53 -6.00 0.88 8.98
C PHE B 53 -6.27 -0.44 8.26
N PHE B 54 -6.64 -0.38 6.98
CA PHE B 54 -6.76 -1.61 6.17
C PHE B 54 -6.10 -1.43 4.81
N THR B 55 -5.63 -2.54 4.25
CA THR B 55 -5.08 -2.47 2.91
C THR B 55 -5.25 -3.83 2.24
N TYR B 56 -5.38 -3.81 0.92
CA TYR B 56 -5.60 -5.05 0.19
C TYR B 56 -4.97 -4.96 -1.18
N HIS B 57 -4.67 -6.12 -1.74
CA HIS B 57 -3.90 -6.20 -2.96
C HIS B 57 -4.29 -7.53 -3.58
N ILE B 58 -5.20 -7.49 -4.56
CA ILE B 58 -5.83 -8.69 -5.09
C ILE B 58 -5.41 -8.94 -6.53
N LEU B 59 -4.82 -10.11 -6.79
CA LEU B 59 -4.47 -10.48 -8.14
C LEU B 59 -5.70 -11.09 -8.78
N MET B 60 -6.22 -10.41 -9.79
CA MET B 60 -7.47 -10.78 -10.43
C MET B 60 -7.25 -11.20 -11.88
N ARG B 61 -8.01 -12.19 -12.31
CA ARG B 61 -8.07 -12.53 -13.73
C ARG B 61 -9.47 -13.05 -14.01
N GLY B 62 -9.72 -13.44 -15.25
CA GLY B 62 -10.97 -14.05 -15.61
C GLY B 62 -11.91 -13.05 -16.23
N GLY B 63 -11.51 -11.78 -16.16
CA GLY B 63 -12.22 -10.73 -16.87
C GLY B 63 -12.19 -11.03 -18.35
N ASP B 64 -13.38 -11.24 -18.92
CA ASP B 64 -13.54 -11.53 -20.34
C ASP B 64 -12.80 -10.54 -21.21
N GLY B 65 -13.24 -9.30 -21.13
CA GLY B 65 -12.57 -8.15 -21.73
C GLY B 65 -12.92 -6.99 -20.83
N THR B 66 -14.07 -7.12 -20.17
CA THR B 66 -14.59 -6.07 -19.29
C THR B 66 -13.69 -5.78 -18.11
N SER B 67 -14.12 -4.79 -17.33
CA SER B 67 -13.40 -4.38 -16.15
C SER B 67 -13.84 -5.24 -15.00
N MET B 68 -12.93 -5.44 -14.06
CA MET B 68 -13.27 -6.05 -12.79
C MET B 68 -12.89 -5.15 -11.62
N TRP B 69 -13.46 -5.43 -10.45
CA TRP B 69 -13.30 -4.59 -9.29
C TRP B 69 -12.97 -5.41 -8.03
N ALA B 70 -12.16 -4.83 -7.16
CA ALA B 70 -12.02 -5.35 -5.80
C ALA B 70 -12.43 -4.24 -4.84
N ASP B 71 -13.50 -4.45 -4.09
CA ASP B 71 -14.01 -3.45 -3.14
C ASP B 71 -13.74 -3.79 -1.68
N LEU B 72 -13.39 -2.79 -0.88
CA LEU B 72 -13.35 -3.00 0.57
C LEU B 72 -14.65 -2.51 1.17
N CYS B 73 -15.36 -3.39 1.86
CA CYS B 73 -16.64 -3.02 2.45
C CYS B 73 -16.61 -2.89 3.96
N LYS B 74 -17.60 -2.18 4.47
CA LYS B 74 -17.85 -2.14 5.90
C LYS B 74 -19.36 -2.25 6.12
N ASN B 75 -19.80 -3.38 6.69
CA ASN B 75 -21.21 -3.66 6.86
C ASN B 75 -22.01 -3.46 5.57
N GLY B 76 -21.51 -3.98 4.45
CA GLY B 76 -22.23 -3.86 3.19
C GLY B 76 -22.14 -2.53 2.46
N GLN B 77 -21.34 -1.59 2.99
CA GLN B 77 -21.10 -0.31 2.30
C GLN B 77 -19.68 -0.27 1.75
N VAL B 78 -19.55 -0.06 0.44
CA VAL B 78 -18.23 0.10 -0.18
C VAL B 78 -17.53 1.34 0.37
N ARG B 79 -16.28 1.18 0.82
CA ARG B 79 -15.53 2.32 1.37
C ARG B 79 -14.24 2.63 0.59
N ALA B 80 -13.89 1.72 -0.31
CA ALA B 80 -12.79 1.93 -1.26
C ALA B 80 -12.96 0.94 -2.41
N SER B 81 -12.50 1.35 -3.58
CA SER B 81 -12.56 0.50 -4.76
C SER B 81 -11.28 0.54 -5.57
N ALA B 82 -11.08 -0.51 -6.35
CA ALA B 82 -10.02 -0.53 -7.34
C ALA B 82 -10.58 -1.19 -8.57
N ILE B 83 -10.36 -0.58 -9.72
CA ILE B 83 -10.81 -1.16 -10.98
C ILE B 83 -9.60 -1.80 -11.67
N ALA B 84 -9.80 -2.99 -12.23
CA ALA B 84 -8.73 -3.70 -12.92
C ALA B 84 -9.21 -4.04 -14.33
N GLN B 85 -8.45 -3.66 -15.33
CA GLN B 85 -9.00 -3.73 -16.68
C GLN B 85 -8.19 -4.61 -17.63
N ASP B 86 -7.24 -5.38 -17.10
CA ASP B 86 -6.58 -6.40 -17.94
C ASP B 86 -7.50 -7.59 -18.20
N ALA B 87 -7.32 -8.20 -19.35
CA ALA B 87 -8.17 -9.29 -19.79
C ALA B 87 -7.48 -10.07 -20.88
N ASP B 88 -6.92 -9.33 -21.84
CA ASP B 88 -6.25 -9.91 -23.01
C ASP B 88 -5.55 -11.25 -22.75
N GLN B 89 -4.79 -11.31 -21.66
CA GLN B 89 -4.18 -12.54 -21.16
C GLN B 89 -3.57 -12.24 -19.78
N ASN B 90 -3.63 -13.24 -18.90
CA ASN B 90 -3.09 -13.11 -17.55
C ASN B 90 -3.75 -12.04 -16.66
N TYR B 91 -3.10 -11.71 -15.55
CA TYR B 91 -3.75 -10.97 -14.46
C TYR B 91 -3.58 -9.45 -14.45
N ASP B 92 -4.30 -8.82 -13.52
CA ASP B 92 -4.09 -7.43 -13.12
C ASP B 92 -4.43 -7.28 -11.63
N TYR B 93 -3.79 -6.32 -10.95
CA TYR B 93 -4.00 -6.14 -9.53
C TYR B 93 -5.04 -5.05 -9.27
N ALA B 94 -5.83 -5.25 -8.22
CA ALA B 94 -6.75 -4.25 -7.73
C ALA B 94 -6.46 -4.04 -6.24
N SER B 95 -6.14 -2.79 -5.87
CA SER B 95 -5.62 -2.50 -4.54
C SER B 95 -6.17 -1.23 -3.99
N ASN B 96 -6.19 -1.14 -2.66
CA ASN B 96 -6.42 0.13 -1.98
C ASN B 96 -6.05 0.09 -0.49
N SER B 97 -6.17 1.26 0.13
CA SER B 97 -5.88 1.46 1.54
C SER B 97 -6.87 2.46 2.14
N VAL B 98 -7.27 2.23 3.38
CA VAL B 98 -8.23 3.10 4.03
C VAL B 98 -7.88 3.27 5.50
N VAL B 99 -8.43 4.33 6.10
CA VAL B 99 -8.47 4.47 7.54
C VAL B 99 -9.95 4.65 7.93
N LEU B 100 -10.48 3.74 8.74
CA LEU B 100 -11.90 3.79 9.05
C LEU B 100 -12.13 3.78 10.55
N HIS B 101 -13.20 4.44 10.97
CA HIS B 101 -13.70 4.25 12.31
C HIS B 101 -14.63 3.06 12.35
N LEU B 102 -14.48 2.23 13.37
CA LEU B 102 -15.37 1.09 13.56
C LEU B 102 -15.99 1.08 14.95
N ASP B 103 -17.28 0.73 15.02
CA ASP B 103 -17.92 0.41 16.28
C ASP B 103 -17.78 -1.08 16.54
N SER B 104 -17.93 -1.47 17.81
CA SER B 104 -17.95 -2.89 18.15
C SER B 104 -18.96 -3.56 17.25
N GLY B 105 -18.56 -4.68 16.64
CA GLY B 105 -19.48 -5.49 15.86
C GLY B 105 -19.54 -5.16 14.38
N ASP B 106 -18.87 -4.11 13.94
CA ASP B 106 -18.77 -3.80 12.52
C ASP B 106 -17.92 -4.86 11.83
N GLU B 107 -18.19 -5.09 10.55
CA GLU B 107 -17.43 -6.04 9.79
C GLU B 107 -16.80 -5.39 8.59
N VAL B 108 -15.54 -5.76 8.34
CA VAL B 108 -14.78 -5.26 7.21
C VAL B 108 -14.26 -6.45 6.39
N TYR B 109 -14.38 -6.33 5.08
CA TYR B 109 -14.04 -7.44 4.20
C TYR B 109 -13.88 -6.92 2.77
N VAL B 110 -13.31 -7.77 1.94
CA VAL B 110 -13.11 -7.47 0.53
C VAL B 110 -14.11 -8.26 -0.31
N LYS B 111 -14.73 -7.59 -1.28
CA LYS B 111 -15.62 -8.28 -2.22
C LYS B 111 -15.13 -8.06 -3.65
N LEU B 112 -15.50 -8.99 -4.54
CA LEU B 112 -15.03 -8.95 -5.92
C LEU B 112 -16.18 -8.77 -6.91
N ASP B 113 -15.90 -8.14 -8.04
CA ASP B 113 -16.88 -8.06 -9.13
C ASP B 113 -16.23 -8.33 -10.48
N GLY B 114 -16.65 -9.40 -11.13
CA GLY B 114 -16.25 -9.68 -12.51
C GLY B 114 -14.91 -10.36 -12.71
N GLY B 115 -14.33 -10.89 -11.63
CA GLY B 115 -13.06 -11.60 -11.70
C GLY B 115 -12.81 -12.47 -10.48
N LYS B 116 -11.75 -13.27 -10.57
CA LYS B 116 -11.43 -14.21 -9.50
C LYS B 116 -10.06 -13.85 -8.91
N ALA B 117 -9.90 -13.99 -7.60
CA ALA B 117 -8.63 -13.69 -6.94
C ALA B 117 -7.68 -14.86 -7.06
N HIS B 118 -6.42 -14.57 -7.34
CA HIS B 118 -5.44 -15.65 -7.51
C HIS B 118 -4.35 -15.65 -6.46
N GLY B 119 -3.80 -16.83 -6.21
CA GLY B 119 -2.78 -17.01 -5.19
C GLY B 119 -2.72 -18.43 -4.70
N GLY B 120 -1.88 -18.65 -3.69
CA GLY B 120 -1.67 -19.96 -3.11
C GLY B 120 -0.61 -19.81 -2.04
N ASN B 121 -0.54 -20.76 -1.10
CA ASN B 121 0.52 -20.75 -0.09
C ASN B 121 1.90 -20.65 -0.76
N ASN B 122 1.99 -21.29 -1.93
CA ASN B 122 3.14 -21.21 -2.82
C ASN B 122 3.53 -19.78 -3.24
N ASN B 123 2.53 -19.01 -3.66
CA ASN B 123 2.74 -17.68 -4.19
C ASN B 123 1.74 -16.74 -3.55
N LYS B 124 2.17 -16.02 -2.53
CA LYS B 124 1.27 -15.13 -1.80
C LYS B 124 0.98 -13.85 -2.58
N TYR B 125 0.15 -13.97 -3.61
CA TYR B 125 -0.12 -12.84 -4.47
C TYR B 125 -1.19 -11.93 -3.91
N SER B 126 -2.32 -12.50 -3.48
CA SER B 126 -3.45 -11.68 -3.04
C SER B 126 -3.49 -11.50 -1.52
N THR B 127 -3.49 -10.26 -1.05
CA THR B 127 -3.38 -9.98 0.39
C THR B 127 -4.40 -9.00 0.94
N PHE B 128 -4.64 -9.13 2.24
CA PHE B 128 -5.54 -8.29 3.01
C PHE B 128 -4.86 -8.16 4.38
N SER B 129 -4.65 -6.92 4.82
CA SER B 129 -4.04 -6.67 6.13
C SER B 129 -4.78 -5.54 6.82
N GLY B 130 -4.72 -5.53 8.14
CA GLY B 130 -5.27 -4.42 8.90
C GLY B 130 -4.79 -4.43 10.32
N PHE B 131 -5.05 -3.34 11.03
CA PHE B 131 -4.71 -3.25 12.44
C PHE B 131 -5.35 -2.03 13.06
N LEU B 132 -5.58 -2.10 14.37
CA LEU B 132 -6.07 -0.98 15.14
C LEU B 132 -4.98 0.07 15.29
N LEU B 133 -5.27 1.33 14.94
CA LEU B 133 -4.34 2.44 15.21
C LEU B 133 -4.64 3.08 16.56
N TYR B 134 -5.90 3.45 16.78
CA TYR B 134 -6.33 4.14 17.99
C TYR B 134 -7.70 3.70 18.46
N PRO B 135 -7.76 3.10 19.65
CA PRO B 135 -9.04 2.78 20.30
C PRO B 135 -9.73 4.06 20.75
N ASP B 136 -11.06 4.09 20.73
CA ASP B 136 -11.82 5.25 21.20
C ASP B 136 -11.73 5.43 22.71
N PRO C 6 -1.73 11.71 21.48
CA PRO C 6 -2.54 12.33 20.42
C PRO C 6 -2.86 11.35 19.29
N LYS C 7 -4.02 11.51 18.67
CA LYS C 7 -4.54 10.59 17.67
C LYS C 7 -4.79 11.34 16.38
N ILE C 8 -4.02 11.04 15.34
CA ILE C 8 -4.08 11.78 14.09
C ILE C 8 -4.07 10.79 12.92
N ALA C 9 -5.12 10.83 12.13
CA ALA C 9 -5.25 9.91 11.02
C ALA C 9 -6.30 10.45 10.04
N PHE C 10 -6.08 10.21 8.76
CA PHE C 10 -6.98 10.71 7.75
C PHE C 10 -6.98 9.76 6.58
N TYR C 11 -8.09 9.74 5.86
CA TYR C 11 -8.28 8.95 4.66
C TYR C 11 -9.22 9.76 3.77
N VAL C 12 -8.75 10.12 2.59
CA VAL C 12 -9.53 10.99 1.71
C VAL C 12 -9.54 10.49 0.27
N GLY C 13 -10.60 10.81 -0.46
CA GLY C 13 -10.70 10.45 -1.87
C GLY C 13 -11.16 11.62 -2.72
N LEU C 14 -11.61 11.35 -3.95
CA LEU C 14 -12.05 12.40 -4.87
C LEU C 14 -13.55 12.33 -5.14
N LYS C 15 -14.23 13.47 -5.03
CA LYS C 15 -15.66 13.56 -5.27
C LYS C 15 -15.94 13.70 -6.76
N SER C 16 -14.87 13.89 -7.52
CA SER C 16 -14.94 14.05 -8.97
C SER C 16 -13.51 14.06 -9.50
N PRO C 17 -13.34 13.85 -10.80
CA PRO C 17 -12.01 14.01 -11.37
C PRO C 17 -11.42 15.40 -11.09
N HIS C 18 -10.18 15.42 -10.61
CA HIS C 18 -9.45 16.65 -10.35
C HIS C 18 -8.12 16.61 -11.08
N GLU C 19 -7.64 17.78 -11.49
CA GLU C 19 -6.27 17.90 -11.94
C GLU C 19 -5.45 18.15 -10.69
N GLY C 20 -4.14 18.04 -10.78
CA GLY C 20 -3.31 18.24 -9.60
C GLY C 20 -2.01 18.94 -9.88
N TYR C 21 -2.05 19.97 -10.73
CA TYR C 21 -0.85 20.70 -11.11
C TYR C 21 -0.05 21.17 -9.91
N GLU C 22 -0.72 21.75 -8.93
CA GLU C 22 0.01 22.20 -7.74
C GLU C 22 -0.18 21.23 -6.59
N VAL C 23 -1.40 20.75 -6.46
CA VAL C 23 -1.75 19.82 -5.40
C VAL C 23 -3.06 19.19 -5.80
N LEU C 24 -3.17 17.89 -5.56
CA LEU C 24 -4.42 17.21 -5.78
C LEU C 24 -5.28 17.40 -4.55
N LYS C 25 -6.39 18.13 -4.72
CA LYS C 25 -7.28 18.46 -3.60
C LYS C 25 -8.39 17.42 -3.40
N PHE C 26 -8.05 16.34 -2.72
CA PHE C 26 -9.02 15.34 -2.33
C PHE C 26 -10.16 16.02 -1.56
N ASP C 27 -11.39 15.81 -2.01
CA ASP C 27 -12.54 16.53 -1.44
C ASP C 27 -13.60 15.61 -0.83
N ASP C 28 -13.42 14.31 -1.02
CA ASP C 28 -14.25 13.31 -0.34
C ASP C 28 -13.53 12.88 0.95
N VAL C 29 -13.90 13.47 2.08
CA VAL C 29 -13.20 13.24 3.33
C VAL C 29 -13.87 12.14 4.18
N VAL C 30 -13.33 10.93 4.12
CA VAL C 30 -13.90 9.82 4.88
C VAL C 30 -13.51 9.81 6.36
N THR C 31 -12.22 9.93 6.65
CA THR C 31 -11.75 9.99 8.02
C THR C 31 -10.78 11.17 8.14
N ASN C 32 -10.92 11.96 9.19
CA ASN C 32 -10.04 13.10 9.40
C ASN C 32 -9.78 13.39 10.88
N LEU C 33 -9.32 12.38 11.60
CA LEU C 33 -9.07 12.50 13.03
C LEU C 33 -7.99 13.53 13.36
N GLY C 34 -8.38 14.57 14.08
CA GLY C 34 -7.51 15.67 14.42
C GLY C 34 -7.84 16.88 13.55
N ASN C 35 -8.51 16.60 12.43
CA ASN C 35 -8.87 17.65 11.49
C ASN C 35 -7.61 18.35 10.93
N HIS C 36 -6.59 17.56 10.61
CA HIS C 36 -5.33 18.13 10.11
C HIS C 36 -5.21 18.14 8.58
N TYR C 37 -6.08 17.39 7.92
CA TYR C 37 -6.17 17.49 6.47
C TYR C 37 -7.18 18.59 6.11
N ASP C 38 -6.81 19.50 5.21
CA ASP C 38 -7.70 20.59 4.80
C ASP C 38 -8.02 20.43 3.33
N PRO C 39 -9.27 20.05 3.01
CA PRO C 39 -9.65 19.74 1.64
C PRO C 39 -9.65 20.98 0.75
N THR C 40 -9.69 22.18 1.33
CA THR C 40 -9.67 23.39 0.54
C THR C 40 -8.26 23.70 0.01
N THR C 41 -7.25 23.13 0.67
CA THR C 41 -5.86 23.35 0.28
C THR C 41 -5.26 22.06 -0.26
N GLY C 42 -5.85 20.94 0.16
CA GLY C 42 -5.43 19.62 -0.28
C GLY C 42 -4.21 19.12 0.49
N LYS C 43 -3.89 19.82 1.56
CA LYS C 43 -2.69 19.52 2.31
C LYS C 43 -2.98 18.96 3.69
N PHE C 44 -2.13 18.05 4.14
CA PHE C 44 -2.13 17.66 5.53
C PHE C 44 -1.07 18.51 6.20
N SER C 45 -1.46 19.32 7.19
CA SER C 45 -0.53 20.16 7.92
C SER C 45 -0.24 19.59 9.29
N CYS C 46 1.03 19.28 9.54
CA CYS C 46 1.47 18.73 10.81
C CYS C 46 1.29 19.69 11.98
N GLN C 47 0.60 19.26 13.03
CA GLN C 47 0.53 20.03 14.26
C GLN C 47 1.26 19.33 15.42
N VAL C 48 1.47 18.03 15.28
CA VAL C 48 2.26 17.29 16.27
C VAL C 48 3.56 16.81 15.63
N ARG C 49 4.68 17.32 16.14
CA ARG C 49 6.01 16.91 15.68
C ARG C 49 6.23 15.40 15.85
N GLY C 50 6.60 14.69 14.78
CA GLY C 50 6.83 13.26 14.94
C GLY C 50 6.91 12.43 13.68
N ILE C 51 6.81 11.11 13.84
CA ILE C 51 6.99 10.18 12.72
C ILE C 51 5.64 9.76 12.14
N TYR C 52 5.46 9.98 10.84
CA TYR C 52 4.18 9.70 10.17
C TYR C 52 4.28 8.67 9.04
N PHE C 53 3.18 7.92 8.82
CA PHE C 53 3.05 7.09 7.62
C PHE C 53 2.08 7.72 6.64
N PHE C 54 2.42 7.71 5.34
CA PHE C 54 1.47 8.14 4.31
C PHE C 54 1.44 7.16 3.15
N THR C 55 0.30 7.07 2.48
CA THR C 55 0.19 6.20 1.32
C THR C 55 -0.80 6.81 0.37
N TYR C 56 -0.55 6.68 -0.92
CA TYR C 56 -1.50 7.21 -1.89
C TYR C 56 -1.65 6.25 -3.04
N HIS C 57 -2.76 6.39 -3.75
CA HIS C 57 -3.10 5.45 -4.79
C HIS C 57 -3.97 6.24 -5.73
N ILE C 58 -3.42 6.62 -6.89
CA ILE C 58 -4.14 7.47 -7.82
C ILE C 58 -4.44 6.80 -9.15
N LEU C 59 -5.70 6.83 -9.55
CA LEU C 59 -6.10 6.42 -10.90
C LEU C 59 -5.88 7.61 -11.83
N MET C 60 -4.88 7.51 -12.70
CA MET C 60 -4.50 8.65 -13.54
C MET C 60 -4.85 8.44 -15.00
N ARG C 61 -5.44 9.47 -15.58
CA ARG C 61 -5.67 9.47 -17.00
C ARG C 61 -5.00 10.74 -17.55
N GLY C 62 -4.34 10.62 -18.69
CA GLY C 62 -3.68 11.77 -19.30
C GLY C 62 -3.58 11.66 -20.80
N GLY C 63 -4.30 10.69 -21.37
CA GLY C 63 -4.31 10.48 -22.81
C GLY C 63 -2.94 10.17 -23.35
N ASP C 64 -2.76 10.30 -24.66
CA ASP C 64 -1.47 10.10 -25.33
C ASP C 64 -0.72 8.81 -24.92
N GLY C 65 0.60 8.84 -25.09
CA GLY C 65 1.47 7.76 -24.64
C GLY C 65 2.58 8.32 -23.77
N THR C 66 2.39 9.56 -23.33
CA THR C 66 3.36 10.23 -22.48
C THR C 66 3.20 9.79 -21.02
N SER C 67 4.35 9.56 -20.39
CA SER C 67 4.42 9.22 -18.98
C SER C 67 3.65 10.23 -18.14
N MET C 68 3.25 9.80 -16.95
CA MET C 68 2.60 10.68 -16.02
C MET C 68 2.99 10.26 -14.60
N TRP C 69 2.93 11.21 -13.68
CA TRP C 69 3.45 10.99 -12.34
C TRP C 69 2.46 11.42 -11.28
N ALA C 70 2.48 10.72 -10.15
CA ALA C 70 1.85 11.20 -8.92
C ALA C 70 2.93 11.20 -7.86
N ASP C 71 3.22 12.39 -7.32
CA ASP C 71 4.29 12.52 -6.34
C ASP C 71 3.72 12.86 -4.96
N LEU C 72 4.38 12.37 -3.91
CA LEU C 72 4.04 12.83 -2.56
C LEU C 72 5.06 13.89 -2.18
N CYS C 73 4.59 15.03 -1.69
CA CYS C 73 5.49 16.13 -1.36
C CYS C 73 5.45 16.53 0.09
N LYS C 74 6.58 17.02 0.57
CA LYS C 74 6.64 17.60 1.89
C LYS C 74 7.28 18.95 1.71
N ASN C 75 6.50 20.01 1.97
CA ASN C 75 7.04 21.36 1.91
C ASN C 75 7.65 21.68 0.55
N GLY C 76 7.09 21.10 -0.51
CA GLY C 76 7.55 21.41 -1.86
C GLY C 76 8.71 20.56 -2.36
N GLN C 77 9.11 19.57 -1.57
CA GLN C 77 10.12 18.60 -1.99
C GLN C 77 9.44 17.24 -2.19
N VAL C 78 9.71 16.61 -3.32
CA VAL C 78 9.20 15.27 -3.59
C VAL C 78 9.84 14.30 -2.61
N ARG C 79 9.04 13.45 -1.97
CA ARG C 79 9.56 12.43 -1.06
C ARG C 79 9.24 11.02 -1.55
N ALA C 80 8.30 10.92 -2.48
CA ALA C 80 8.10 9.66 -3.22
C ALA C 80 7.42 9.95 -4.53
N SER C 81 7.75 9.17 -5.53
CA SER C 81 7.23 9.40 -6.85
C SER C 81 6.70 8.09 -7.41
N ALA C 82 5.80 8.20 -8.37
CA ALA C 82 5.25 7.04 -9.04
C ALA C 82 4.99 7.40 -10.50
N ILE C 83 5.56 6.61 -11.39
CA ILE C 83 5.38 6.86 -12.82
C ILE C 83 4.35 5.89 -13.36
N ALA C 84 3.42 6.43 -14.14
CA ALA C 84 2.36 5.65 -14.78
C ALA C 84 2.39 5.90 -16.28
N GLN C 85 2.00 4.91 -17.09
CA GLN C 85 2.17 5.08 -18.53
C GLN C 85 0.94 5.56 -19.31
N ASP C 86 -0.07 4.71 -19.43
CA ASP C 86 -1.25 5.01 -20.25
C ASP C 86 -0.84 5.22 -21.73
N ALA C 87 -0.96 4.21 -22.60
CA ALA C 87 -1.69 2.94 -22.41
C ALA C 87 -3.16 3.13 -22.02
N ASP C 88 -3.85 3.94 -22.83
CA ASP C 88 -5.22 4.35 -22.56
C ASP C 88 -6.17 3.18 -22.42
N GLN C 89 -5.76 2.03 -22.95
CA GLN C 89 -6.47 0.78 -22.73
C GLN C 89 -6.57 0.53 -21.22
N ASN C 90 -5.46 0.06 -20.63
CA ASN C 90 -5.39 -0.42 -19.24
C ASN C 90 -4.87 0.62 -18.27
N TYR C 91 -5.42 1.83 -18.39
CA TYR C 91 -5.03 3.06 -17.66
C TYR C 91 -3.63 3.08 -17.08
N ASP C 92 -3.55 3.73 -15.93
CA ASP C 92 -2.55 3.40 -14.93
C ASP C 92 -2.89 3.99 -13.57
N TYR C 93 -2.54 3.22 -12.54
CA TYR C 93 -2.50 3.71 -11.18
C TYR C 93 -1.09 4.21 -10.87
N ALA C 94 -1.00 5.28 -10.10
CA ALA C 94 0.28 5.74 -9.59
C ALA C 94 0.18 5.75 -8.08
N SER C 95 1.10 5.05 -7.44
CA SER C 95 1.01 4.78 -6.03
C SER C 95 2.36 4.82 -5.35
N ASN C 96 2.37 5.16 -4.07
CA ASN C 96 3.56 4.94 -3.26
C ASN C 96 3.26 5.01 -1.76
N SER C 97 4.28 4.79 -0.93
CA SER C 97 4.12 4.86 0.51
C SER C 97 5.37 5.43 1.13
N VAL C 98 5.22 6.14 2.24
CA VAL C 98 6.38 6.70 2.90
C VAL C 98 6.24 6.66 4.41
N VAL C 99 7.39 6.66 5.08
CA VAL C 99 7.44 7.05 6.47
C VAL C 99 8.33 8.29 6.53
N LEU C 100 7.79 9.38 7.09
CA LEU C 100 8.52 10.64 7.15
C LEU C 100 8.46 11.23 8.54
N HIS C 101 9.51 11.95 8.90
CA HIS C 101 9.49 12.78 10.09
C HIS C 101 8.97 14.17 9.72
N LEU C 102 8.03 14.68 10.51
CA LEU C 102 7.45 16.00 10.32
C LEU C 102 7.64 16.91 11.54
N ASP C 103 7.91 18.19 11.27
CA ASP C 103 7.84 19.23 12.28
C ASP C 103 6.48 19.88 12.20
N SER C 104 6.07 20.57 13.26
CA SER C 104 4.86 21.37 13.21
C SER C 104 4.93 22.34 12.04
N GLY C 105 3.89 22.31 11.21
CA GLY C 105 3.77 23.27 10.14
C GLY C 105 4.22 22.74 8.80
N ASP C 106 4.79 21.53 8.80
CA ASP C 106 5.14 20.88 7.56
C ASP C 106 3.87 20.51 6.78
N GLU C 107 3.97 20.53 5.46
CA GLU C 107 2.82 20.22 4.63
C GLU C 107 3.09 19.03 3.75
N VAL C 108 2.18 18.07 3.81
CA VAL C 108 2.27 16.87 3.02
C VAL C 108 1.04 16.75 2.13
N TYR C 109 1.27 16.44 0.85
CA TYR C 109 0.20 16.45 -0.16
C TYR C 109 0.63 15.66 -1.37
N VAL C 110 -0.34 15.35 -2.23
CA VAL C 110 -0.05 14.67 -3.48
C VAL C 110 -0.08 15.67 -4.63
N LYS C 111 0.83 15.52 -5.57
CA LYS C 111 0.90 16.41 -6.71
C LYS C 111 0.92 15.58 -8.00
N LEU C 112 0.18 16.05 -9.01
CA LEU C 112 0.12 15.34 -10.27
C LEU C 112 0.93 16.04 -11.36
N ASP C 113 1.60 15.23 -12.17
CA ASP C 113 2.40 15.75 -13.24
C ASP C 113 1.99 15.04 -14.52
N GLY C 114 1.51 15.81 -15.50
CA GLY C 114 1.19 15.26 -16.82
C GLY C 114 0.00 14.33 -16.90
N GLY C 115 -0.94 14.44 -15.96
CA GLY C 115 -2.14 13.63 -16.01
C GLY C 115 -3.20 14.03 -15.00
N LYS C 116 -4.41 13.51 -15.19
CA LYS C 116 -5.54 13.82 -14.30
C LYS C 116 -5.90 12.62 -13.39
N ALA C 117 -6.44 12.91 -12.23
CA ALA C 117 -6.87 11.88 -11.28
C ALA C 117 -8.34 11.59 -11.48
N HIS C 118 -8.70 10.31 -11.57
CA HIS C 118 -10.09 9.90 -11.77
C HIS C 118 -10.69 9.26 -10.51
N GLY C 119 -12.00 9.39 -10.37
CA GLY C 119 -12.71 8.86 -9.23
C GLY C 119 -13.92 9.74 -8.92
N GLY C 120 -14.72 9.32 -7.95
CA GLY C 120 -15.93 10.04 -7.61
C GLY C 120 -16.55 9.48 -6.34
N ASN C 121 -17.60 10.16 -5.87
CA ASN C 121 -18.35 9.76 -4.68
C ASN C 121 -18.53 8.25 -4.53
N ASN C 122 -18.91 7.59 -5.61
CA ASN C 122 -19.24 6.17 -5.55
C ASN C 122 -18.07 5.26 -5.88
N ASN C 123 -17.20 5.68 -6.79
CA ASN C 123 -16.00 4.91 -7.06
C ASN C 123 -14.77 5.55 -6.44
N LYS C 124 -14.47 5.14 -5.22
CA LYS C 124 -13.35 5.69 -4.48
C LYS C 124 -12.02 5.09 -4.95
N TYR C 125 -11.61 5.48 -6.15
CA TYR C 125 -10.45 4.92 -6.79
C TYR C 125 -9.18 5.63 -6.34
N SER C 126 -9.20 6.95 -6.37
CA SER C 126 -8.03 7.72 -5.97
C SER C 126 -8.06 8.09 -4.49
N THR C 127 -7.05 7.65 -3.75
CA THR C 127 -7.05 7.85 -2.31
C THR C 127 -5.69 8.25 -1.79
N PHE C 128 -5.71 8.77 -0.56
CA PHE C 128 -4.56 9.32 0.14
C PHE C 128 -4.90 9.10 1.61
N SER C 129 -4.01 8.43 2.35
CA SER C 129 -4.19 8.20 3.79
C SER C 129 -2.89 8.47 4.53
N GLY C 130 -3.00 8.67 5.84
CA GLY C 130 -1.83 8.87 6.64
C GLY C 130 -2.20 8.85 8.11
N PHE C 131 -1.21 8.63 8.96
CA PHE C 131 -1.42 8.71 10.39
C PHE C 131 -0.11 8.89 11.12
N LEU C 132 -0.24 9.29 12.37
CA LEU C 132 0.90 9.54 13.24
C LEU C 132 1.35 8.20 13.81
N LEU C 133 2.63 7.87 13.60
CA LEU C 133 3.18 6.66 14.20
C LEU C 133 3.66 6.93 15.63
N TYR C 134 4.64 7.80 15.77
CA TYR C 134 5.20 8.15 17.07
C TYR C 134 5.43 9.65 17.17
N PRO C 135 4.77 10.30 18.13
CA PRO C 135 5.08 11.69 18.47
C PRO C 135 6.51 11.78 18.96
N ASP C 136 7.22 12.87 18.70
CA ASP C 136 8.57 13.02 19.25
C ASP C 136 8.61 13.13 20.78
#